data_7PB1
#
_entry.id   7PB1
#
_cell.length_a   183.470
_cell.length_b   183.470
_cell.length_c   112.290
_cell.angle_alpha   90.00
_cell.angle_beta   90.00
_cell.angle_gamma   120.00
#
_symmetry.space_group_name_H-M   'H 3 2'
#
loop_
_entity.id
_entity.type
_entity.pdbx_description
1 polymer 'Dehydrodolichyl diphosphate synthase complex subunit DHDDS'
2 polymer 'Dehydrodolichyl diphosphate synthase complex subunit NUS1'
3 non-polymer 'MAGNESIUM ION'
4 non-polymer 'GERANYLGERANYL DIPHOSPHATE'
5 non-polymer '3-methylbut-3-enylsulfanyl(phosphonooxy)phosphinic acid'
6 water water
#
loop_
_entity_poly.entity_id
_entity_poly.type
_entity_poly.pdbx_seq_one_letter_code
_entity_poly.pdbx_strand_id
1 'polypeptide(L)'
;GSGSGSGMSWIKEGELSLWERFCANIIKAGPMPKHIAFIMDGNRRYAKKCQVERQEGHSQGFNKLAETLRWCLNLGILEV
TVYAFSIENFKRSKSEVDGLMDLARQKFSRLMEEKEKLQKHGVCIRVLGDLHLLPLDLQELIAQAVQATKNYNKCFLNVC
FAYTSRHEISNAVREMAWGVEQGLLDPSDISESLLDKCLYTNRSPHPDILIRTSGEVRLSDFLLWQTSHSCLVFQPVLWP
EYTFWNLFEAILQFQMNHSVLQKARDMYAEERKRQQLERDQATVTEQLLREGLQASGDAQLRRTRLHKLSARREERVQGF
LQALELKRADWLARLGTASA
;
A
2 'polypeptide(L)'
;GSGSGSGRGGSCLAAAHHRMRWRADGRSLEKLPVHMGLVITEVEQEPSFSDIASLVVWCMAVGISYISVYDHQGIFKRNN
SRLMDEILKQQQELLGLDCSKDKDDQVLNCHLAVKVLSPEDGKADIVRAAQDFCQLVAQKQKRPTDLDVDTLASLLSSNG
CPDPDLVLKFGPVDSTLGFLPWHIRLTEIVSLPSHLNISYEDFFSALRQYAACEQRLGK
;
B
#
# COMPACT_ATOMS: atom_id res chain seq x y z
N GLY A 14 0.24 9.59 -31.32
CA GLY A 14 0.50 9.04 -30.01
C GLY A 14 1.97 8.95 -29.62
N GLU A 15 2.83 8.82 -30.64
CA GLU A 15 4.26 8.65 -30.40
C GLU A 15 4.89 9.95 -29.88
N LEU A 16 6.05 9.81 -29.24
CA LEU A 16 6.67 10.89 -28.50
C LEU A 16 7.37 11.88 -29.45
N SER A 17 7.51 13.12 -28.97
CA SER A 17 8.15 14.18 -29.73
C SER A 17 9.67 14.05 -29.65
N LEU A 18 10.37 15.03 -30.25
CA LEU A 18 11.83 14.98 -30.32
C LEU A 18 12.44 14.94 -28.93
N TRP A 19 12.06 15.90 -28.07
CA TRP A 19 12.64 15.94 -26.73
C TRP A 19 12.19 14.75 -25.91
N GLU A 20 10.90 14.41 -25.98
CA GLU A 20 10.40 13.25 -25.25
C GLU A 20 11.11 11.98 -25.69
N ARG A 21 11.21 11.76 -27.00
CA ARG A 21 11.97 10.62 -27.50
C ARG A 21 13.38 10.64 -26.94
N PHE A 22 14.00 11.82 -26.88
CA PHE A 22 15.40 11.91 -26.48
C PHE A 22 15.57 11.56 -25.00
N CYS A 23 14.79 12.21 -24.13
CA CYS A 23 14.91 11.95 -22.71
C CYS A 23 14.51 10.52 -22.37
N ALA A 24 13.46 10.01 -23.01
CA ALA A 24 13.12 8.60 -22.90
C ALA A 24 14.34 7.72 -23.13
N ASN A 25 15.04 7.93 -24.25
CA ASN A 25 16.23 7.13 -24.55
C ASN A 25 17.27 7.22 -23.45
N ILE A 26 17.37 8.38 -22.78
CA ILE A 26 18.40 8.56 -21.77
C ILE A 26 18.05 7.80 -20.49
N ILE A 27 16.79 7.88 -20.05
CA ILE A 27 16.42 7.16 -18.84
C ILE A 27 16.33 5.66 -19.11
N LYS A 28 15.86 5.28 -20.29
CA LYS A 28 15.82 3.85 -20.63
C LYS A 28 17.18 3.19 -20.50
N ALA A 29 18.26 3.97 -20.51
CA ALA A 29 19.58 3.44 -20.20
C ALA A 29 19.74 3.05 -18.74
N GLY A 30 18.80 3.43 -17.88
CA GLY A 30 18.85 3.08 -16.48
C GLY A 30 17.81 2.05 -16.13
N PRO A 31 17.54 1.89 -14.83
CA PRO A 31 16.49 0.94 -14.40
C PRO A 31 15.12 1.51 -14.69
N MET A 32 14.35 0.82 -15.51
CA MET A 32 13.02 1.36 -15.70
C MET A 32 12.00 0.63 -14.82
N PRO A 33 10.91 1.28 -14.46
CA PRO A 33 9.85 0.58 -13.73
C PRO A 33 9.04 -0.33 -14.65
N LYS A 34 8.75 -1.54 -14.17
CA LYS A 34 7.89 -2.43 -14.93
C LYS A 34 6.41 -2.15 -14.67
N HIS A 35 6.09 -1.42 -13.61
CA HIS A 35 4.71 -1.27 -13.18
C HIS A 35 4.54 0.07 -12.47
N ILE A 36 3.65 0.91 -12.95
CA ILE A 36 3.39 2.21 -12.35
C ILE A 36 1.91 2.28 -11.95
N ALA A 37 1.66 2.82 -10.78
CA ALA A 37 0.32 2.96 -10.23
C ALA A 37 -0.01 4.44 -10.04
N PHE A 38 -1.19 4.85 -10.48
CA PHE A 38 -1.62 6.24 -10.50
C PHE A 38 -2.85 6.46 -9.63
N ILE A 39 -2.82 7.50 -8.79
CA ILE A 39 -4.03 8.01 -8.13
C ILE A 39 -4.39 9.28 -8.89
N MET A 40 -5.30 9.13 -9.85
CA MET A 40 -5.70 10.24 -10.70
C MET A 40 -6.58 11.21 -9.91
N ASP A 41 -5.94 12.17 -9.24
CA ASP A 41 -6.62 13.07 -8.32
C ASP A 41 -6.56 14.50 -8.83
N GLY A 42 -7.58 15.28 -8.50
CA GLY A 42 -7.65 16.67 -8.89
C GLY A 42 -8.63 17.01 -10.01
N ASN A 43 -9.45 16.05 -10.46
CA ASN A 43 -10.34 16.30 -11.58
C ASN A 43 -11.30 17.44 -11.31
N ARG A 44 -11.87 17.50 -10.11
CA ARG A 44 -12.86 18.54 -9.82
C ARG A 44 -12.21 19.91 -9.67
N ARG A 45 -11.05 19.97 -9.02
CA ARG A 45 -10.36 21.25 -8.87
C ARG A 45 -10.00 21.82 -10.24
N TYR A 46 -9.52 20.96 -11.13
CA TYR A 46 -9.26 21.36 -12.51
C TYR A 46 -10.50 21.96 -13.14
N ALA A 47 -11.64 21.28 -13.01
CA ALA A 47 -12.88 21.79 -13.58
C ALA A 47 -13.25 23.16 -13.03
N LYS A 48 -12.91 23.43 -11.77
CA LYS A 48 -13.20 24.76 -11.21
C LYS A 48 -12.26 25.82 -11.80
N LYS A 49 -11.01 25.44 -12.11
CA LYS A 49 -10.08 26.41 -12.70
C LYS A 49 -10.50 26.77 -14.11
N CYS A 50 -10.82 25.76 -14.94
CA CYS A 50 -11.29 25.95 -16.31
C CYS A 50 -12.77 26.29 -16.41
N GLN A 51 -13.46 26.47 -15.27
CA GLN A 51 -14.85 26.91 -15.25
C GLN A 51 -15.74 26.02 -16.13
N VAL A 52 -15.47 24.72 -16.12
CA VAL A 52 -16.31 23.73 -16.76
C VAL A 52 -17.00 22.92 -15.66
N GLU A 53 -18.15 22.34 -16.01
CA GLU A 53 -18.89 21.53 -15.05
C GLU A 53 -18.02 20.36 -14.57
N ARG A 54 -18.40 19.82 -13.41
CA ARG A 54 -17.62 18.73 -12.81
C ARG A 54 -17.53 17.53 -13.75
N GLN A 55 -18.57 17.26 -14.54
CA GLN A 55 -18.51 16.11 -15.41
C GLN A 55 -17.46 16.28 -16.50
N GLU A 56 -17.30 17.50 -17.02
CA GLU A 56 -16.27 17.73 -18.02
C GLU A 56 -14.87 17.54 -17.45
N GLY A 57 -14.67 17.88 -16.17
CA GLY A 57 -13.39 17.61 -15.54
C GLY A 57 -13.08 16.13 -15.46
N HIS A 58 -14.10 15.31 -15.18
CA HIS A 58 -13.89 13.86 -15.15
C HIS A 58 -13.76 13.28 -16.54
N SER A 59 -14.44 13.87 -17.54
CA SER A 59 -14.23 13.48 -18.91
C SER A 59 -12.80 13.81 -19.34
N GLN A 60 -12.39 15.06 -19.13
CA GLN A 60 -11.01 15.44 -19.41
C GLN A 60 -10.05 14.58 -18.60
N GLY A 61 -10.44 14.22 -17.37
CA GLY A 61 -9.62 13.30 -16.60
C GLY A 61 -9.45 11.96 -17.26
N PHE A 62 -10.50 11.49 -17.96
CA PHE A 62 -10.37 10.21 -18.64
C PHE A 62 -9.48 10.32 -19.86
N ASN A 63 -9.65 11.39 -20.65
CA ASN A 63 -8.74 11.61 -21.79
C ASN A 63 -7.28 11.49 -21.38
N LYS A 64 -6.94 12.04 -20.21
CA LYS A 64 -5.55 12.03 -19.77
C LYS A 64 -5.08 10.62 -19.43
N LEU A 65 -5.93 9.85 -18.73
CA LEU A 65 -5.62 8.44 -18.49
C LEU A 65 -5.31 7.71 -19.80
N ALA A 66 -5.99 8.07 -20.88
CA ALA A 66 -5.71 7.43 -22.16
C ALA A 66 -4.37 7.89 -22.72
N GLU A 67 -4.09 9.19 -22.66
CA GLU A 67 -2.83 9.71 -23.18
C GLU A 67 -1.63 9.16 -22.41
N THR A 68 -1.70 9.18 -21.06
CA THR A 68 -0.53 8.76 -20.29
C THR A 68 -0.21 7.29 -20.49
N LEU A 69 -1.23 6.46 -20.73
CA LEU A 69 -0.97 5.08 -21.11
C LEU A 69 -0.17 4.99 -22.40
N ARG A 70 -0.47 5.85 -23.38
CA ARG A 70 0.37 5.89 -24.57
C ARG A 70 1.81 6.26 -24.22
N TRP A 71 2.00 7.14 -23.22
CA TRP A 71 3.36 7.49 -22.81
C TRP A 71 4.07 6.28 -22.20
N CYS A 72 3.41 5.58 -21.27
CA CYS A 72 4.03 4.39 -20.67
C CYS A 72 4.32 3.34 -21.72
N LEU A 73 3.36 3.09 -22.62
CA LEU A 73 3.59 2.11 -23.68
C LEU A 73 4.78 2.51 -24.53
N ASN A 74 5.01 3.82 -24.70
CA ASN A 74 6.17 4.27 -25.45
C ASN A 74 7.45 4.13 -24.65
N LEU A 75 7.36 4.26 -23.32
CA LEU A 75 8.49 4.13 -22.41
C LEU A 75 8.76 2.68 -22.00
N GLY A 76 7.99 1.73 -22.51
CA GLY A 76 8.20 0.34 -22.18
C GLY A 76 7.56 -0.12 -20.89
N ILE A 77 6.96 0.78 -20.12
CA ILE A 77 6.21 0.42 -18.92
C ILE A 77 4.92 -0.27 -19.33
N LEU A 78 4.88 -1.59 -19.23
CA LEU A 78 3.79 -2.35 -19.83
C LEU A 78 2.71 -2.73 -18.82
N GLU A 79 2.84 -2.32 -17.57
CA GLU A 79 1.82 -2.58 -16.57
C GLU A 79 1.50 -1.28 -15.84
N VAL A 80 0.21 -0.95 -15.77
CA VAL A 80 -0.26 0.28 -15.15
C VAL A 80 -1.51 -0.05 -14.33
N THR A 81 -1.54 0.43 -13.09
CA THR A 81 -2.70 0.35 -12.24
C THR A 81 -3.19 1.78 -11.98
N VAL A 82 -4.49 1.98 -12.08
CA VAL A 82 -5.06 3.31 -11.88
C VAL A 82 -6.22 3.22 -10.90
N TYR A 83 -6.31 4.23 -10.03
CA TYR A 83 -7.40 4.35 -9.06
C TYR A 83 -8.51 5.14 -9.73
N ALA A 84 -9.56 4.44 -10.16
CA ALA A 84 -10.63 5.04 -10.95
C ALA A 84 -11.86 5.38 -10.14
N PHE A 85 -12.19 4.62 -9.10
CA PHE A 85 -13.35 4.95 -8.28
C PHE A 85 -13.22 4.23 -6.94
N SER A 86 -13.18 5.01 -5.86
CA SER A 86 -13.07 4.47 -4.51
C SER A 86 -14.43 4.15 -3.93
N ILE A 87 -14.46 3.14 -3.05
CA ILE A 87 -15.67 2.90 -2.28
C ILE A 87 -16.07 4.16 -1.51
N GLU A 88 -15.09 4.94 -1.05
CA GLU A 88 -15.39 6.18 -0.34
C GLU A 88 -16.14 7.17 -1.23
N ASN A 89 -15.87 7.15 -2.55
CA ASN A 89 -16.53 8.07 -3.46
C ASN A 89 -18.03 7.81 -3.60
N PHE A 90 -18.53 6.68 -3.11
CA PHE A 90 -19.97 6.43 -3.08
C PHE A 90 -20.71 7.41 -2.17
N LYS A 91 -20.00 8.23 -1.40
CA LYS A 91 -20.59 9.21 -0.51
C LYS A 91 -20.76 10.58 -1.15
N ARG A 92 -20.37 10.73 -2.43
CA ARG A 92 -20.54 11.99 -3.12
C ARG A 92 -22.01 12.17 -3.50
N SER A 93 -22.32 13.29 -4.14
CA SER A 93 -23.68 13.51 -4.61
C SER A 93 -24.07 12.45 -5.62
N LYS A 94 -25.37 12.10 -5.63
CA LYS A 94 -25.85 11.15 -6.63
C LYS A 94 -25.68 11.70 -8.03
N SER A 95 -25.72 13.02 -8.19
CA SER A 95 -25.42 13.63 -9.48
C SER A 95 -23.99 13.31 -9.91
N GLU A 96 -23.03 13.62 -9.04
CA GLU A 96 -21.63 13.30 -9.34
C GLU A 96 -21.46 11.80 -9.59
N VAL A 97 -22.00 10.98 -8.68
CA VAL A 97 -21.72 9.55 -8.71
C VAL A 97 -22.33 8.91 -9.96
N ASP A 98 -23.59 9.25 -10.25
CA ASP A 98 -24.20 8.78 -11.49
C ASP A 98 -23.43 9.31 -12.69
N GLY A 99 -23.00 10.57 -12.65
CA GLY A 99 -22.12 11.08 -13.68
C GLY A 99 -20.89 10.23 -13.88
N LEU A 100 -20.27 9.79 -12.79
CA LEU A 100 -19.12 8.89 -12.90
C LEU A 100 -19.54 7.53 -13.45
N MET A 101 -20.67 7.01 -12.97
CA MET A 101 -21.10 5.68 -13.39
C MET A 101 -21.42 5.64 -14.87
N ASP A 102 -22.09 6.67 -15.38
CA ASP A 102 -22.40 6.70 -16.80
C ASP A 102 -21.15 6.95 -17.64
N LEU A 103 -20.16 7.64 -17.08
CA LEU A 103 -18.89 7.75 -17.79
C LEU A 103 -18.22 6.39 -17.92
N ALA A 104 -18.28 5.58 -16.86
CA ALA A 104 -17.71 4.23 -16.93
C ALA A 104 -18.49 3.36 -17.89
N ARG A 105 -19.82 3.46 -17.86
CA ARG A 105 -20.62 2.78 -18.87
C ARG A 105 -20.24 3.22 -20.27
N GLN A 106 -20.05 4.54 -20.45
CA GLN A 106 -19.76 5.07 -21.78
C GLN A 106 -18.43 4.55 -22.31
N LYS A 107 -17.41 4.49 -21.43
CA LYS A 107 -16.08 4.09 -21.86
C LYS A 107 -15.95 2.57 -21.96
N PHE A 108 -16.46 1.82 -20.99
CA PHE A 108 -16.45 0.35 -21.09
C PHE A 108 -17.25 -0.15 -22.28
N SER A 109 -18.19 0.66 -22.78
CA SER A 109 -18.94 0.28 -23.98
C SER A 109 -18.15 0.53 -25.24
N ARG A 110 -17.47 1.68 -25.33
CA ARG A 110 -16.63 1.96 -26.48
C ARG A 110 -15.42 1.02 -26.53
N LEU A 111 -15.13 0.32 -25.43
CA LEU A 111 -14.04 -0.65 -25.44
C LEU A 111 -14.42 -1.88 -26.26
N MET A 112 -15.68 -2.29 -26.21
CA MET A 112 -16.13 -3.41 -27.01
C MET A 112 -16.40 -3.00 -28.46
N GLU A 113 -16.90 -1.77 -28.66
CA GLU A 113 -16.96 -1.22 -30.02
C GLU A 113 -15.57 -1.20 -30.64
N GLU A 114 -14.54 -0.95 -29.83
CA GLU A 114 -13.15 -0.98 -30.26
C GLU A 114 -12.46 -2.28 -29.88
N LYS A 115 -13.18 -3.40 -29.91
CA LYS A 115 -12.53 -4.69 -29.74
C LYS A 115 -11.62 -4.95 -30.92
N GLU A 116 -10.99 -6.13 -30.98
CA GLU A 116 -10.10 -6.49 -32.07
C GLU A 116 -8.87 -5.57 -32.13
N LYS A 117 -9.09 -4.25 -32.01
CA LYS A 117 -7.97 -3.36 -31.74
C LYS A 117 -7.30 -3.74 -30.43
N LEU A 118 -8.11 -4.13 -29.43
CA LEU A 118 -7.55 -4.72 -28.22
C LEU A 118 -6.75 -5.98 -28.55
N GLN A 119 -7.36 -6.87 -29.33
CA GLN A 119 -6.68 -8.09 -29.76
C GLN A 119 -5.43 -7.76 -30.58
N LYS A 120 -5.43 -6.64 -31.30
CA LYS A 120 -4.27 -6.28 -32.11
C LYS A 120 -3.11 -5.86 -31.22
N HIS A 121 -3.37 -5.00 -30.24
CA HIS A 121 -2.33 -4.48 -29.37
C HIS A 121 -2.13 -5.32 -28.12
N GLY A 122 -2.80 -6.46 -28.01
CA GLY A 122 -2.59 -7.35 -26.87
C GLY A 122 -2.76 -6.67 -25.54
N VAL A 123 -3.79 -5.84 -25.42
CA VAL A 123 -4.04 -5.08 -24.20
C VAL A 123 -4.94 -5.91 -23.30
N CYS A 124 -4.46 -6.23 -22.11
CA CYS A 124 -5.24 -6.96 -21.13
C CYS A 124 -5.81 -5.98 -20.10
N ILE A 125 -7.12 -6.06 -19.88
CA ILE A 125 -7.85 -5.15 -19.00
C ILE A 125 -8.34 -5.94 -17.80
N ARG A 126 -7.95 -5.49 -16.61
CA ARG A 126 -8.46 -6.04 -15.37
C ARG A 126 -9.12 -4.93 -14.57
N VAL A 127 -10.27 -5.23 -13.98
CA VAL A 127 -11.00 -4.29 -13.14
C VAL A 127 -11.03 -4.88 -11.74
N LEU A 128 -10.36 -4.21 -10.80
CA LEU A 128 -10.20 -4.72 -9.46
C LEU A 128 -11.02 -3.89 -8.48
N GLY A 129 -11.53 -4.55 -7.45
CA GLY A 129 -12.34 -3.87 -6.45
C GLY A 129 -13.58 -4.67 -6.09
N ASP A 130 -14.39 -4.13 -5.16
CA ASP A 130 -15.63 -4.76 -4.74
C ASP A 130 -16.72 -4.40 -5.73
N LEU A 131 -16.67 -5.04 -6.90
CA LEU A 131 -17.53 -4.65 -8.02
C LEU A 131 -19.00 -5.02 -7.80
N HIS A 132 -19.34 -5.77 -6.75
CA HIS A 132 -20.74 -6.06 -6.52
C HIS A 132 -21.52 -4.80 -6.18
N LEU A 133 -20.86 -3.74 -5.70
CA LEU A 133 -21.52 -2.50 -5.36
C LEU A 133 -21.87 -1.65 -6.58
N LEU A 134 -21.34 -1.98 -7.75
CA LEU A 134 -21.63 -1.21 -8.94
C LEU A 134 -23.01 -1.58 -9.50
N PRO A 135 -23.59 -0.72 -10.32
CA PRO A 135 -24.84 -1.07 -11.00
C PRO A 135 -24.69 -2.35 -11.80
N LEU A 136 -25.74 -3.18 -11.77
CA LEU A 136 -25.69 -4.48 -12.42
C LEU A 136 -25.22 -4.38 -13.87
N ASP A 137 -25.71 -3.37 -14.60
CA ASP A 137 -25.27 -3.19 -15.98
C ASP A 137 -23.79 -2.84 -16.06
N LEU A 138 -23.32 -1.97 -15.17
CA LEU A 138 -21.89 -1.65 -15.17
C LEU A 138 -21.06 -2.90 -14.86
N GLN A 139 -21.57 -3.76 -13.99
CA GLN A 139 -20.88 -5.01 -13.72
C GLN A 139 -20.80 -5.88 -14.97
N GLU A 140 -21.92 -6.00 -15.69
CA GLU A 140 -21.93 -6.83 -16.90
C GLU A 140 -20.98 -6.27 -17.96
N LEU A 141 -20.88 -4.94 -18.06
CA LEU A 141 -19.94 -4.34 -19.00
C LEU A 141 -18.50 -4.67 -18.63
N ILE A 142 -18.13 -4.39 -17.38
CA ILE A 142 -16.79 -4.70 -16.89
C ILE A 142 -16.45 -6.17 -17.14
N ALA A 143 -17.37 -7.07 -16.80
CA ALA A 143 -17.13 -8.50 -16.94
C ALA A 143 -16.84 -8.87 -18.39
N GLN A 144 -17.73 -8.45 -19.31
CA GLN A 144 -17.49 -8.71 -20.73
C GLN A 144 -16.12 -8.17 -21.15
N ALA A 145 -15.78 -6.96 -20.71
CA ALA A 145 -14.50 -6.38 -21.07
C ALA A 145 -13.35 -7.21 -20.51
N VAL A 146 -13.43 -7.58 -19.22
CA VAL A 146 -12.35 -8.34 -18.61
C VAL A 146 -12.21 -9.71 -19.26
N GLN A 147 -13.33 -10.40 -19.47
CA GLN A 147 -13.26 -11.74 -20.07
C GLN A 147 -12.73 -11.68 -21.49
N ALA A 148 -13.20 -10.70 -22.28
CA ALA A 148 -12.80 -10.59 -23.67
C ALA A 148 -11.31 -10.29 -23.83
N THR A 149 -10.66 -9.78 -22.79
CA THR A 149 -9.28 -9.34 -22.87
C THR A 149 -8.31 -10.25 -22.14
N LYS A 150 -8.81 -11.25 -21.41
CA LYS A 150 -7.93 -12.27 -20.88
C LYS A 150 -7.21 -12.97 -22.03
N ASN A 151 -6.09 -13.61 -21.69
CA ASN A 151 -5.19 -14.23 -22.67
C ASN A 151 -4.52 -13.21 -23.57
N TYR A 152 -4.56 -11.93 -23.21
CA TYR A 152 -3.75 -10.91 -23.85
C TYR A 152 -2.57 -10.58 -22.93
N ASN A 153 -1.40 -10.38 -23.53
CA ASN A 153 -0.20 -10.20 -22.71
C ASN A 153 0.77 -9.16 -23.25
N LYS A 154 0.37 -8.35 -24.23
CA LYS A 154 1.30 -7.33 -24.71
C LYS A 154 1.43 -6.19 -23.71
N CYS A 155 0.39 -5.96 -22.90
CA CYS A 155 0.40 -4.86 -21.94
C CYS A 155 -0.86 -4.97 -21.09
N PHE A 156 -0.77 -4.46 -19.87
CA PHE A 156 -1.79 -4.71 -18.84
C PHE A 156 -2.22 -3.40 -18.21
N LEU A 157 -3.53 -3.19 -18.15
CA LEU A 157 -4.11 -2.07 -17.42
C LEU A 157 -4.97 -2.62 -16.29
N ASN A 158 -4.78 -2.10 -15.10
CA ASN A 158 -5.58 -2.46 -13.94
C ASN A 158 -6.36 -1.23 -13.50
N VAL A 159 -7.68 -1.38 -13.47
CA VAL A 159 -8.59 -0.27 -13.17
C VAL A 159 -9.29 -0.61 -11.86
N CYS A 160 -8.99 0.17 -10.83
CA CYS A 160 -9.51 -0.08 -9.49
C CYS A 160 -10.84 0.65 -9.35
N PHE A 161 -11.93 -0.10 -9.49
CA PHE A 161 -13.28 0.45 -9.48
C PHE A 161 -14.03 -0.08 -8.28
N ALA A 162 -14.47 0.84 -7.42
CA ALA A 162 -15.08 0.49 -6.14
C ALA A 162 -14.08 -0.32 -5.32
N TYR A 163 -12.92 0.28 -5.11
CA TYR A 163 -11.80 -0.38 -4.46
C TYR A 163 -11.33 0.49 -3.31
N THR A 164 -11.02 -0.17 -2.18
CA THR A 164 -10.12 0.35 -1.16
C THR A 164 -9.17 -0.76 -0.76
N SER A 165 -7.95 -0.40 -0.38
CA SER A 165 -6.98 -1.43 -0.02
C SER A 165 -7.47 -2.27 1.17
N ARG A 166 -8.12 -1.63 2.15
CA ARG A 166 -8.62 -2.37 3.30
C ARG A 166 -9.67 -3.38 2.89
N HIS A 167 -10.58 -2.98 1.99
CA HIS A 167 -11.57 -3.93 1.50
C HIS A 167 -10.90 -5.04 0.70
N GLU A 168 -9.82 -4.73 -0.03
CA GLU A 168 -9.10 -5.77 -0.75
C GLU A 168 -8.33 -6.67 0.21
N ILE A 169 -7.65 -6.06 1.19
CA ILE A 169 -6.88 -6.84 2.15
C ILE A 169 -7.80 -7.75 2.96
N SER A 170 -8.92 -7.21 3.44
CA SER A 170 -9.83 -8.02 4.25
C SER A 170 -10.49 -9.11 3.40
N ASN A 171 -10.79 -8.80 2.14
CA ASN A 171 -11.28 -9.85 1.25
C ASN A 171 -10.21 -10.91 1.04
N ALA A 172 -8.95 -10.50 0.94
CA ALA A 172 -7.87 -11.47 0.76
C ALA A 172 -7.77 -12.40 1.96
N VAL A 173 -8.07 -11.90 3.16
CA VAL A 173 -8.06 -12.79 4.31
C VAL A 173 -9.30 -13.66 4.33
N ARG A 174 -10.41 -13.17 3.78
CA ARG A 174 -11.61 -13.99 3.75
C ARG A 174 -11.43 -15.20 2.84
N GLU A 175 -10.82 -15.00 1.68
CA GLU A 175 -10.55 -16.13 0.78
C GLU A 175 -9.66 -17.17 1.45
N MET A 176 -8.73 -16.73 2.30
CA MET A 176 -7.87 -17.68 2.99
C MET A 176 -8.63 -18.40 4.10
N ALA A 177 -9.54 -17.70 4.77
CA ALA A 177 -10.41 -18.35 5.74
C ALA A 177 -11.39 -19.29 5.05
N TRP A 178 -11.87 -18.90 3.87
CA TRP A 178 -12.64 -19.81 3.03
C TRP A 178 -11.84 -21.09 2.78
N GLY A 179 -10.57 -20.94 2.42
CA GLY A 179 -9.71 -22.12 2.26
C GLY A 179 -9.55 -22.89 3.56
N VAL A 180 -9.38 -22.19 4.67
CA VAL A 180 -9.39 -22.88 5.97
C VAL A 180 -10.70 -23.63 6.15
N GLU A 181 -11.81 -22.98 5.83
CA GLU A 181 -13.12 -23.54 6.10
C GLU A 181 -13.38 -24.81 5.28
N GLN A 182 -12.75 -24.92 4.11
CA GLN A 182 -13.04 -26.02 3.20
C GLN A 182 -12.02 -27.15 3.25
N GLY A 183 -11.02 -27.07 4.14
CA GLY A 183 -9.99 -28.07 4.21
C GLY A 183 -8.84 -27.88 3.25
N LEU A 184 -8.88 -26.83 2.42
CA LEU A 184 -7.82 -26.53 1.48
C LEU A 184 -6.56 -26.01 2.17
N LEU A 185 -6.70 -25.49 3.38
CA LEU A 185 -5.66 -24.64 3.95
C LEU A 185 -5.66 -24.81 5.47
N ASP A 186 -4.46 -24.97 6.04
CA ASP A 186 -4.34 -24.96 7.49
C ASP A 186 -3.95 -23.56 7.96
N PRO A 187 -4.48 -23.08 9.09
CA PRO A 187 -4.15 -21.71 9.53
C PRO A 187 -2.67 -21.45 9.70
N SER A 188 -1.86 -22.49 9.92
CA SER A 188 -0.41 -22.29 9.93
C SER A 188 0.14 -21.97 8.55
N ASP A 189 -0.64 -22.23 7.48
CA ASP A 189 -0.21 -21.95 6.11
C ASP A 189 -0.32 -20.48 5.73
N ILE A 190 -1.15 -19.71 6.43
CA ILE A 190 -1.26 -18.29 6.15
C ILE A 190 0.12 -17.64 6.25
N SER A 191 0.51 -16.96 5.18
CA SER A 191 1.82 -16.33 5.10
C SER A 191 1.68 -15.04 4.32
N GLU A 192 2.73 -14.21 4.35
CA GLU A 192 2.70 -12.96 3.60
C GLU A 192 2.45 -13.22 2.12
N SER A 193 3.20 -14.16 1.53
CA SER A 193 3.07 -14.45 0.11
C SER A 193 1.73 -15.09 -0.21
N LEU A 194 1.18 -15.88 0.71
CA LEU A 194 -0.15 -16.42 0.47
C LEU A 194 -1.18 -15.29 0.40
N LEU A 195 -1.07 -14.32 1.30
CA LEU A 195 -1.93 -13.14 1.22
C LEU A 195 -1.68 -12.37 -0.07
N ASP A 196 -0.42 -12.34 -0.53
CA ASP A 196 -0.10 -11.70 -1.79
C ASP A 196 -0.86 -12.33 -2.95
N LYS A 197 -1.01 -13.65 -2.94
CA LYS A 197 -1.66 -14.34 -4.03
C LYS A 197 -3.18 -14.32 -3.95
N CYS A 198 -3.76 -13.69 -2.92
CA CYS A 198 -5.21 -13.60 -2.81
C CYS A 198 -5.75 -12.19 -3.00
N LEU A 199 -4.90 -11.18 -3.14
CA LEU A 199 -5.39 -9.85 -3.44
C LEU A 199 -5.95 -9.79 -4.85
N TYR A 200 -6.72 -8.73 -5.11
CA TYR A 200 -7.18 -8.48 -6.48
C TYR A 200 -6.01 -8.37 -7.45
N THR A 201 -4.93 -7.73 -7.01
CA THR A 201 -3.75 -7.52 -7.84
C THR A 201 -2.82 -8.72 -7.90
N ASN A 202 -3.26 -9.91 -7.46
CA ASN A 202 -2.31 -11.02 -7.38
C ASN A 202 -1.74 -11.40 -8.73
N ARG A 203 -2.32 -10.92 -9.82
CA ARG A 203 -1.79 -11.21 -11.14
C ARG A 203 -0.65 -10.27 -11.52
N SER A 204 -0.55 -9.12 -10.88
CA SER A 204 0.44 -8.12 -11.20
C SER A 204 1.58 -8.13 -10.19
N PRO A 205 2.75 -7.62 -10.55
CA PRO A 205 3.78 -7.35 -9.56
C PRO A 205 3.50 -6.05 -8.82
N HIS A 206 4.10 -5.91 -7.65
CA HIS A 206 3.92 -4.69 -6.87
C HIS A 206 4.43 -3.49 -7.66
N PRO A 207 3.74 -2.36 -7.61
CA PRO A 207 4.19 -1.17 -8.37
C PRO A 207 5.58 -0.74 -7.96
N ASP A 208 6.41 -0.45 -8.96
CA ASP A 208 7.69 0.19 -8.68
C ASP A 208 7.49 1.62 -8.21
N ILE A 209 6.47 2.30 -8.75
CA ILE A 209 6.20 3.70 -8.45
C ILE A 209 4.72 3.85 -8.16
N LEU A 210 4.39 4.73 -7.24
CA LEU A 210 3.02 5.17 -7.01
C LEU A 210 2.98 6.68 -7.19
N ILE A 211 2.02 7.16 -7.98
CA ILE A 211 1.93 8.56 -8.35
C ILE A 211 0.57 9.08 -7.92
N ARG A 212 0.55 10.06 -7.04
CA ARG A 212 -0.66 10.80 -6.70
C ARG A 212 -0.51 12.24 -7.14
N THR A 213 -1.52 12.75 -7.83
CA THR A 213 -1.51 14.09 -8.38
C THR A 213 -2.27 15.04 -7.46
N SER A 214 -2.25 16.33 -7.82
CA SER A 214 -2.65 17.44 -6.96
C SER A 214 -1.76 17.48 -5.73
N GLY A 215 -1.99 18.43 -4.84
CA GLY A 215 -1.05 18.60 -3.74
C GLY A 215 -1.12 17.59 -2.62
N GLU A 216 -1.96 16.57 -2.71
CA GLU A 216 -2.20 15.70 -1.58
C GLU A 216 -0.99 14.80 -1.30
N VAL A 217 -0.63 14.69 -0.02
CA VAL A 217 0.45 13.80 0.40
C VAL A 217 -0.11 12.63 1.20
N ARG A 218 -1.19 12.04 0.72
CA ARG A 218 -1.77 10.86 1.34
C ARG A 218 -2.05 9.82 0.25
N LEU A 219 -2.25 8.58 0.70
CA LEU A 219 -2.47 7.47 -0.22
C LEU A 219 -3.95 7.18 -0.46
N SER A 220 -4.83 7.66 0.42
CA SER A 220 -6.28 7.47 0.33
C SER A 220 -6.63 6.02 -0.06
N ASP A 221 -6.19 5.09 0.79
CA ASP A 221 -6.60 3.68 0.74
C ASP A 221 -6.34 3.06 -0.64
N PHE A 222 -5.10 3.18 -1.11
CA PHE A 222 -4.75 2.66 -2.44
C PHE A 222 -3.50 1.80 -2.35
N LEU A 223 -3.66 0.50 -2.54
CA LEU A 223 -2.52 -0.41 -2.66
C LEU A 223 -1.58 -0.27 -1.47
N LEU A 224 -2.15 -0.06 -0.28
CA LEU A 224 -1.32 0.09 0.90
C LEU A 224 -0.40 -1.12 1.05
N TRP A 225 -0.95 -2.32 0.87
CA TRP A 225 -0.15 -3.53 0.98
C TRP A 225 0.92 -3.57 -0.11
N GLN A 226 0.52 -3.29 -1.36
CA GLN A 226 1.39 -3.53 -2.50
C GLN A 226 2.48 -2.49 -2.67
N THR A 227 2.33 -1.30 -2.07
CA THR A 227 3.29 -0.23 -2.26
C THR A 227 4.10 0.05 -1.01
N SER A 228 4.20 -0.93 -0.10
CA SER A 228 4.96 -0.73 1.12
C SER A 228 6.40 -0.38 0.84
N HIS A 229 6.94 -0.81 -0.30
CA HIS A 229 8.27 -0.41 -0.75
C HIS A 229 8.25 0.25 -2.13
N SER A 230 7.07 0.58 -2.65
CA SER A 230 7.02 1.34 -3.88
C SER A 230 7.53 2.75 -3.64
N CYS A 231 8.13 3.33 -4.66
CA CYS A 231 8.63 4.70 -4.57
C CYS A 231 7.46 5.66 -4.70
N LEU A 232 7.28 6.53 -3.72
CA LEU A 232 6.10 7.39 -3.65
C LEU A 232 6.41 8.75 -4.27
N VAL A 233 5.55 9.18 -5.20
CA VAL A 233 5.74 10.45 -5.90
C VAL A 233 4.45 11.26 -5.79
N PHE A 234 4.54 12.43 -5.14
CA PHE A 234 3.43 13.35 -5.00
C PHE A 234 3.71 14.57 -5.86
N GLN A 235 2.98 14.72 -6.97
CA GLN A 235 3.17 15.85 -7.86
C GLN A 235 1.99 16.81 -7.76
N PRO A 236 2.23 18.11 -7.64
CA PRO A 236 1.13 19.05 -7.42
C PRO A 236 0.21 19.23 -8.62
N VAL A 237 0.61 18.78 -9.81
CA VAL A 237 -0.21 18.98 -11.00
C VAL A 237 -1.60 18.39 -10.79
N LEU A 238 -2.61 19.03 -11.34
CA LEU A 238 -3.95 18.44 -11.34
C LEU A 238 -4.04 17.38 -12.42
N TRP A 239 -4.65 16.24 -12.07
CA TRP A 239 -4.58 15.07 -12.95
C TRP A 239 -5.00 15.37 -14.39
N PRO A 240 -6.08 16.12 -14.67
CA PRO A 240 -6.38 16.45 -16.07
C PRO A 240 -5.27 17.20 -16.76
N GLU A 241 -4.30 17.76 -16.02
CA GLU A 241 -3.22 18.53 -16.61
C GLU A 241 -1.93 17.72 -16.77
N TYR A 242 -1.99 16.41 -16.57
CA TYR A 242 -0.78 15.61 -16.47
C TYR A 242 -0.05 15.62 -17.81
N THR A 243 1.23 16.01 -17.79
CA THR A 243 2.05 16.04 -18.98
C THR A 243 3.06 14.89 -18.96
N PHE A 244 3.67 14.66 -20.12
CA PHE A 244 4.71 13.64 -20.23
C PHE A 244 5.82 13.88 -19.22
N TRP A 245 6.14 15.15 -18.96
CA TRP A 245 7.29 15.46 -18.10
C TRP A 245 6.99 15.22 -16.63
N ASN A 246 5.73 15.35 -16.21
CA ASN A 246 5.35 14.84 -14.90
C ASN A 246 5.70 13.36 -14.79
N LEU A 247 5.21 12.54 -15.74
CA LEU A 247 5.53 11.12 -15.74
C LEU A 247 7.03 10.90 -15.80
N PHE A 248 7.72 11.72 -16.59
CA PHE A 248 9.17 11.64 -16.67
C PHE A 248 9.80 11.89 -15.31
N GLU A 249 9.48 13.05 -14.71
CA GLU A 249 10.01 13.41 -13.40
C GLU A 249 9.76 12.30 -12.40
N ALA A 250 8.56 11.71 -12.44
CA ALA A 250 8.25 10.58 -11.58
C ALA A 250 9.25 9.45 -11.76
N ILE A 251 9.47 9.03 -13.01
CA ILE A 251 10.47 8.00 -13.28
C ILE A 251 11.84 8.45 -12.81
N LEU A 252 12.19 9.72 -13.05
CA LEU A 252 13.46 10.27 -12.60
C LEU A 252 13.66 10.03 -11.11
N GLN A 253 12.62 10.30 -10.32
CA GLN A 253 12.70 10.06 -8.88
C GLN A 253 12.93 8.59 -8.59
N PHE A 254 12.26 7.72 -9.35
CA PHE A 254 12.38 6.29 -9.14
C PHE A 254 13.81 5.81 -9.37
N GLN A 255 14.46 6.29 -10.43
CA GLN A 255 15.84 5.88 -10.68
C GLN A 255 16.76 6.31 -9.55
N MET A 256 16.54 7.51 -9.00
CA MET A 256 17.39 7.98 -7.93
C MET A 256 17.21 7.16 -6.66
N ASN A 257 15.99 6.69 -6.41
CA ASN A 257 15.72 5.85 -5.25
C ASN A 257 16.05 4.38 -5.47
N HIS A 258 16.36 3.97 -6.71
CA HIS A 258 16.28 2.56 -7.06
C HIS A 258 17.29 1.71 -6.30
N SER A 259 18.54 2.17 -6.26
CA SER A 259 19.57 1.47 -5.51
C SER A 259 19.11 1.23 -4.07
N VAL A 260 18.69 2.31 -3.40
CA VAL A 260 18.26 2.22 -2.01
C VAL A 260 17.05 1.31 -1.87
N LEU A 261 16.05 1.51 -2.73
CA LEU A 261 14.83 0.74 -2.60
C LEU A 261 15.05 -0.73 -2.94
N GLN A 262 15.94 -1.01 -3.90
CA GLN A 262 16.19 -2.41 -4.27
C GLN A 262 16.74 -3.20 -3.10
N LYS A 263 17.71 -2.63 -2.39
CA LYS A 263 18.34 -3.36 -1.28
C LYS A 263 17.41 -3.43 -0.08
N ALA A 264 16.71 -2.32 0.19
CA ALA A 264 15.69 -2.35 1.24
C ALA A 264 14.64 -3.39 0.92
N ARG A 265 14.17 -3.40 -0.33
CA ARG A 265 13.24 -4.44 -0.77
C ARG A 265 13.88 -5.82 -0.69
N ASP A 266 15.14 -5.93 -1.11
CA ASP A 266 15.82 -7.24 -1.12
C ASP A 266 16.06 -7.75 0.30
N MET A 267 16.51 -6.87 1.21
CA MET A 267 16.80 -7.30 2.58
C MET A 267 15.56 -7.51 3.41
N TYR A 268 14.44 -6.88 3.04
CA TYR A 268 13.18 -7.24 3.65
C TYR A 268 12.85 -8.70 3.36
N ALA A 269 13.10 -9.14 2.12
CA ALA A 269 12.76 -10.50 1.73
C ALA A 269 13.73 -11.52 2.33
N GLU A 270 15.00 -11.15 2.47
CA GLU A 270 15.95 -12.06 3.10
C GLU A 270 15.64 -12.24 4.58
N GLU A 271 15.20 -11.16 5.25
CA GLU A 271 14.94 -11.24 6.69
C GLU A 271 13.70 -12.07 6.98
N ARG A 272 12.71 -11.97 6.11
CA ARG A 272 11.47 -12.68 6.29
C ARG A 272 11.63 -14.15 6.00
N LYS A 273 12.37 -14.46 4.96
CA LYS A 273 12.73 -15.85 4.71
C LYS A 273 13.54 -16.43 5.85
N ARG A 274 14.54 -15.66 6.32
CA ARG A 274 15.35 -16.09 7.47
C ARG A 274 14.49 -16.32 8.70
N GLN A 275 13.58 -15.37 8.99
CA GLN A 275 12.65 -15.56 10.11
C GLN A 275 11.69 -16.71 9.84
N GLN A 276 11.26 -16.88 8.59
CA GLN A 276 10.41 -18.02 8.25
C GLN A 276 11.07 -19.33 8.67
N LEU A 277 12.30 -19.54 8.22
CA LEU A 277 13.05 -20.71 8.65
C LEU A 277 13.21 -20.74 10.16
N GLU A 278 13.62 -19.61 10.74
CA GLU A 278 13.79 -19.54 12.20
C GLU A 278 12.51 -19.93 12.91
N ARG A 279 11.37 -19.42 12.45
CA ARG A 279 10.10 -19.80 13.06
C ARG A 279 9.71 -21.24 12.69
N ASP A 280 10.11 -21.70 11.51
CA ASP A 280 9.76 -23.05 11.09
C ASP A 280 10.49 -24.10 11.91
N GLN A 281 11.83 -23.99 11.98
CA GLN A 281 12.61 -25.00 12.68
C GLN A 281 12.31 -25.03 14.18
N ALA A 282 11.72 -23.96 14.73
CA ALA A 282 11.31 -23.98 16.13
C ALA A 282 10.24 -25.04 16.37
N THR A 283 9.22 -25.08 15.51
CA THR A 283 8.15 -26.05 15.70
C THR A 283 8.63 -27.47 15.45
N VAL A 284 9.49 -27.66 14.44
CA VAL A 284 10.08 -28.98 14.22
C VAL A 284 10.91 -29.38 15.42
N THR A 285 11.56 -28.43 16.09
CA THR A 285 12.18 -28.74 17.37
C THR A 285 11.13 -29.11 18.40
N GLU A 286 10.02 -28.37 18.46
CA GLU A 286 8.97 -28.67 19.42
C GLU A 286 8.39 -30.06 19.20
N GLN A 287 8.13 -30.43 17.94
CA GLN A 287 7.56 -31.74 17.65
C GLN A 287 8.52 -32.85 18.05
N LEU A 288 9.81 -32.70 17.74
CA LEU A 288 10.79 -33.71 18.13
C LEU A 288 10.94 -33.79 19.64
N LEU A 289 10.87 -32.64 20.32
CA LEU A 289 10.94 -32.64 21.78
C LEU A 289 9.75 -33.35 22.39
N ARG A 290 8.54 -33.11 21.85
CA ARG A 290 7.37 -33.84 22.33
C ARG A 290 7.49 -35.32 22.00
N GLU A 291 7.85 -35.64 20.76
CA GLU A 291 8.13 -37.03 20.41
C GLU A 291 9.35 -37.58 21.15
N GLY A 292 10.19 -36.71 21.70
CA GLY A 292 11.37 -37.14 22.43
C GLY A 292 12.51 -37.62 21.57
N LEU A 293 12.50 -37.29 20.28
CA LEU A 293 13.37 -37.91 19.30
C LEU A 293 14.71 -37.18 19.11
N GLN A 294 15.12 -36.36 20.08
CA GLN A 294 16.38 -35.61 20.03
C GLN A 294 16.37 -34.54 18.93
N ALA A 295 17.13 -33.47 19.14
CA ALA A 295 17.13 -32.35 18.21
C ALA A 295 17.84 -32.68 16.90
N SER A 296 19.16 -32.82 16.95
CA SER A 296 19.96 -33.10 15.77
C SER A 296 20.52 -34.52 15.83
N GLY A 297 20.67 -35.12 14.65
CA GLY A 297 21.19 -36.46 14.56
C GLY A 297 21.73 -36.74 13.18
N ASP A 298 22.60 -37.75 13.09
CA ASP A 298 23.15 -38.13 11.80
C ASP A 298 22.08 -38.67 10.87
N ALA A 299 21.05 -39.33 11.42
CA ALA A 299 19.90 -39.70 10.61
C ALA A 299 19.21 -38.48 10.01
N GLN A 300 19.58 -37.27 10.44
CA GLN A 300 19.09 -36.02 9.86
C GLN A 300 17.57 -35.96 9.87
N LEU A 301 16.97 -36.36 11.00
CA LEU A 301 15.52 -36.35 11.11
C LEU A 301 14.97 -34.93 11.04
N ARG A 302 15.56 -34.01 11.82
CA ARG A 302 15.15 -32.61 11.74
C ARG A 302 15.31 -32.08 10.32
N ARG A 303 16.43 -32.41 9.66
CA ARG A 303 16.60 -32.02 8.27
C ARG A 303 15.50 -32.59 7.40
N THR A 304 15.22 -33.89 7.52
CA THR A 304 14.21 -34.53 6.68
C THR A 304 12.80 -34.08 7.04
N ARG A 305 12.52 -33.85 8.33
CA ARG A 305 11.19 -33.40 8.73
C ARG A 305 10.93 -31.94 8.36
N LEU A 306 11.97 -31.15 8.13
CA LEU A 306 11.79 -29.79 7.64
C LEU A 306 11.39 -29.79 6.17
N HIS A 307 12.03 -30.64 5.36
CA HIS A 307 11.64 -30.77 3.96
C HIS A 307 10.22 -31.28 3.83
N LYS A 308 9.74 -32.04 4.81
CA LYS A 308 8.36 -32.52 4.79
C LYS A 308 7.38 -31.40 5.13
N LEU A 309 7.72 -30.56 6.11
CA LEU A 309 6.82 -29.48 6.50
C LEU A 309 6.59 -28.50 5.35
N SER A 310 7.67 -28.06 4.71
CA SER A 310 7.52 -27.07 3.64
C SER A 310 6.86 -27.69 2.41
N ALA A 311 7.26 -28.91 2.04
CA ALA A 311 6.68 -29.55 0.86
C ALA A 311 5.19 -29.78 1.03
N ARG A 312 4.78 -30.28 2.20
CA ARG A 312 3.36 -30.47 2.47
C ARG A 312 2.62 -29.15 2.58
N ARG A 313 3.33 -28.05 2.85
CA ARG A 313 2.71 -26.74 2.87
C ARG A 313 2.58 -26.19 1.45
N GLU A 314 3.63 -26.32 0.64
CA GLU A 314 3.56 -25.89 -0.75
C GLU A 314 2.44 -26.62 -1.50
N GLU A 315 2.26 -27.91 -1.19
CA GLU A 315 1.21 -28.68 -1.84
C GLU A 315 -0.17 -28.13 -1.48
N ARG A 316 -0.42 -27.90 -0.19
CA ARG A 316 -1.72 -27.39 0.23
C ARG A 316 -1.98 -26.00 -0.33
N VAL A 317 -0.93 -25.18 -0.42
CA VAL A 317 -1.12 -23.81 -0.90
C VAL A 317 -1.37 -23.80 -2.40
N GLN A 318 -0.56 -24.55 -3.16
CA GLN A 318 -0.81 -24.68 -4.59
C GLN A 318 -2.21 -25.23 -4.86
N GLY A 319 -2.67 -26.15 -4.02
CA GLY A 319 -4.04 -26.64 -4.14
C GLY A 319 -5.07 -25.62 -3.72
N PHE A 320 -4.75 -24.77 -2.75
CA PHE A 320 -5.64 -23.69 -2.40
C PHE A 320 -5.76 -22.69 -3.54
N LEU A 321 -4.61 -22.27 -4.09
CA LEU A 321 -4.61 -21.29 -5.17
C LEU A 321 -5.34 -21.82 -6.39
N GLN A 322 -5.11 -23.08 -6.76
CA GLN A 322 -5.74 -23.65 -7.94
C GLN A 322 -7.26 -23.54 -7.86
N ALA A 323 -7.83 -23.75 -6.67
CA ALA A 323 -9.28 -23.66 -6.50
C ALA A 323 -9.75 -22.21 -6.50
N LEU A 324 -8.98 -21.32 -5.87
CA LEU A 324 -9.36 -19.91 -5.84
C LEU A 324 -9.47 -19.35 -7.25
N GLU A 325 -8.46 -19.57 -8.08
CA GLU A 325 -8.53 -19.11 -9.46
C GLU A 325 -9.68 -19.79 -10.21
N LEU A 326 -10.03 -21.01 -9.83
CA LEU A 326 -11.22 -21.64 -10.41
C LEU A 326 -12.48 -20.94 -9.95
N LYS A 327 -12.59 -20.67 -8.68
CA LYS A 327 -13.76 -20.01 -8.19
C LYS A 327 -13.80 -18.60 -8.72
N ARG A 328 -12.63 -18.06 -9.04
CA ARG A 328 -12.54 -16.72 -9.55
C ARG A 328 -13.05 -16.65 -10.98
N ALA A 329 -13.51 -17.78 -11.50
CA ALA A 329 -14.02 -17.78 -12.85
C ALA A 329 -15.44 -17.29 -12.77
N ASP A 330 -15.66 -16.10 -13.33
CA ASP A 330 -16.97 -15.49 -13.33
C ASP A 330 -17.40 -15.36 -14.76
N TRP A 331 -17.71 -16.48 -15.39
CA TRP A 331 -18.18 -16.42 -16.77
C TRP A 331 -19.51 -15.70 -16.87
N LEU A 332 -20.42 -15.94 -15.94
CA LEU A 332 -21.66 -15.19 -15.87
C LEU A 332 -21.39 -13.80 -15.30
N ALA A 333 -20.98 -13.76 -14.04
CA ALA A 333 -20.62 -12.51 -13.36
C ALA A 333 -21.74 -11.47 -13.40
N HIS B 17 6.85 26.56 33.02
CA HIS B 17 8.03 27.13 32.38
C HIS B 17 7.84 27.15 30.85
N HIS B 18 8.87 26.71 30.12
CA HIS B 18 8.77 26.61 28.67
C HIS B 18 7.76 25.56 28.22
N ARG B 19 7.13 24.85 29.16
CA ARG B 19 6.09 23.89 28.81
C ARG B 19 4.83 24.60 28.31
N MET B 20 4.44 25.68 28.97
CA MET B 20 3.29 26.46 28.50
C MET B 20 3.55 27.02 27.11
N ARG B 21 4.82 27.34 26.81
CA ARG B 21 5.15 27.83 25.47
C ARG B 21 4.82 26.79 24.41
N TRP B 22 5.23 25.54 24.64
CA TRP B 22 4.96 24.49 23.66
C TRP B 22 3.49 24.07 23.67
N ARG B 23 2.82 24.20 24.82
CA ARG B 23 1.38 23.95 24.85
C ARG B 23 0.64 24.92 23.95
N ALA B 24 0.96 26.22 24.04
CA ALA B 24 0.29 27.21 23.22
C ALA B 24 0.68 27.09 21.76
N ASP B 25 1.89 26.61 21.49
CA ASP B 25 2.28 26.34 20.11
C ASP B 25 1.35 25.31 19.48
N GLY B 26 1.33 24.10 20.03
CA GLY B 26 0.45 23.07 19.50
C GLY B 26 -1.00 23.46 19.51
N ARG B 27 -1.43 24.16 20.57
CA ARG B 27 -2.81 24.61 20.65
C ARG B 27 -3.15 25.63 19.58
N SER B 28 -2.14 26.29 19.00
CA SER B 28 -2.42 27.36 18.05
C SER B 28 -2.66 26.85 16.63
N LEU B 29 -2.26 25.61 16.33
CA LEU B 29 -2.42 25.10 14.98
C LEU B 29 -3.86 24.70 14.72
N GLU B 30 -4.29 24.91 13.47
CA GLU B 30 -5.67 24.57 13.09
C GLU B 30 -5.98 23.10 13.37
N LYS B 31 -4.98 22.23 13.30
CA LYS B 31 -5.18 20.83 13.60
C LYS B 31 -3.85 20.26 14.10
N LEU B 32 -3.94 19.37 15.07
CA LEU B 32 -2.78 18.73 15.65
C LEU B 32 -2.96 17.22 15.54
N PRO B 33 -1.94 16.48 15.11
CA PRO B 33 -2.10 15.03 14.97
C PRO B 33 -2.36 14.39 16.31
N VAL B 34 -3.32 13.46 16.33
CA VAL B 34 -3.55 12.68 17.54
C VAL B 34 -2.50 11.58 17.65
N HIS B 35 -2.15 10.97 16.52
CA HIS B 35 -1.10 9.96 16.45
C HIS B 35 -0.11 10.40 15.39
N MET B 36 1.16 10.52 15.78
CA MET B 36 2.21 10.88 14.85
C MET B 36 3.21 9.75 14.72
N GLY B 37 3.65 9.51 13.50
CA GLY B 37 4.66 8.50 13.20
C GLY B 37 5.93 9.17 12.71
N LEU B 38 7.07 8.64 13.13
CA LEU B 38 8.37 9.11 12.67
C LEU B 38 9.05 7.96 11.92
N VAL B 39 9.23 8.13 10.62
CA VAL B 39 9.89 7.14 9.79
C VAL B 39 11.30 7.64 9.49
N ILE B 40 12.29 6.86 9.95
CA ILE B 40 13.70 7.14 9.68
C ILE B 40 14.16 6.19 8.59
N THR B 41 14.54 6.77 7.45
CA THR B 41 15.04 5.97 6.34
C THR B 41 16.56 5.92 6.28
N GLU B 42 17.23 6.91 6.88
CA GLU B 42 18.68 6.95 6.94
C GLU B 42 19.26 5.69 7.56
N GLU B 46 24.40 5.59 10.87
CA GLU B 46 23.48 5.08 11.89
C GLU B 46 22.59 6.20 12.38
N PRO B 47 21.33 5.88 12.70
CA PRO B 47 20.44 6.89 13.29
C PRO B 47 20.95 7.40 14.63
N SER B 48 20.63 8.67 14.92
CA SER B 48 21.15 9.38 16.09
C SER B 48 20.05 9.46 17.16
N PHE B 49 20.22 8.69 18.23
CA PHE B 49 19.19 8.58 19.25
C PHE B 49 18.89 9.93 19.89
N SER B 50 19.94 10.74 20.10
CA SER B 50 19.75 12.06 20.70
C SER B 50 18.77 12.91 19.91
N ASP B 51 18.76 12.75 18.57
CA ASP B 51 17.94 13.62 17.75
C ASP B 51 16.47 13.21 17.79
N ILE B 52 16.18 11.92 17.59
CA ILE B 52 14.78 11.53 17.54
C ILE B 52 14.19 11.50 18.95
N ALA B 53 15.01 11.23 19.97
CA ALA B 53 14.52 11.32 21.34
C ALA B 53 14.04 12.73 21.66
N SER B 54 14.52 13.75 20.95
CA SER B 54 14.00 15.09 21.14
C SER B 54 12.86 15.42 20.19
N LEU B 55 12.72 14.68 19.07
CA LEU B 55 11.51 14.82 18.28
C LEU B 55 10.29 14.29 19.04
N VAL B 56 10.47 13.21 19.80
CA VAL B 56 9.32 12.62 20.47
C VAL B 56 8.85 13.53 21.61
N VAL B 57 9.77 14.09 22.39
CA VAL B 57 9.35 14.97 23.48
C VAL B 57 8.70 16.24 22.94
N TRP B 58 9.09 16.69 21.75
CA TRP B 58 8.40 17.82 21.13
C TRP B 58 6.93 17.50 20.89
N CYS B 59 6.64 16.29 20.38
CA CYS B 59 5.25 15.92 20.14
C CYS B 59 4.45 15.93 21.43
N MET B 60 5.00 15.38 22.51
CA MET B 60 4.27 15.38 23.76
C MET B 60 4.06 16.81 24.27
N ALA B 61 5.11 17.64 24.18
CA ALA B 61 5.00 19.01 24.66
C ALA B 61 3.92 19.80 23.92
N VAL B 62 3.84 19.63 22.59
CA VAL B 62 2.84 20.38 21.83
C VAL B 62 1.45 19.77 21.98
N GLY B 63 1.36 18.50 22.38
CA GLY B 63 0.06 17.90 22.64
C GLY B 63 -0.31 16.72 21.77
N ILE B 64 0.65 16.12 21.08
CA ILE B 64 0.38 14.90 20.34
C ILE B 64 0.38 13.74 21.31
N SER B 65 -0.65 12.88 21.23
CA SER B 65 -0.88 11.86 22.24
C SER B 65 0.01 10.63 22.02
N TYR B 66 0.05 10.13 20.79
CA TYR B 66 0.80 8.92 20.48
C TYR B 66 1.89 9.22 19.45
N ILE B 67 3.08 8.67 19.69
CA ILE B 67 4.22 8.78 18.78
C ILE B 67 4.76 7.38 18.54
N SER B 68 4.79 6.97 17.27
CA SER B 68 5.44 5.74 16.85
C SER B 68 6.71 6.10 16.11
N VAL B 69 7.81 5.45 16.47
CA VAL B 69 9.07 5.61 15.75
C VAL B 69 9.37 4.31 15.01
N TYR B 70 9.82 4.43 13.77
CA TYR B 70 9.94 3.28 12.88
C TYR B 70 11.24 3.36 12.09
N ASP B 71 11.77 2.19 11.72
CA ASP B 71 12.88 2.13 10.79
C ASP B 71 12.92 0.74 10.16
N HIS B 72 13.33 0.68 8.88
CA HIS B 72 13.21 -0.56 8.12
CA HIS B 72 13.22 -0.57 8.12
C HIS B 72 14.22 -1.61 8.58
N GLN B 73 15.40 -1.17 9.04
CA GLN B 73 16.39 -2.13 9.52
C GLN B 73 16.11 -2.61 10.94
N GLY B 74 15.08 -2.06 11.60
CA GLY B 74 14.76 -2.48 12.95
C GLY B 74 15.76 -2.07 14.00
N ILE B 75 16.41 -0.92 13.82
CA ILE B 75 17.45 -0.48 14.74
C ILE B 75 16.85 0.01 16.05
N PHE B 76 15.75 0.76 15.98
CA PHE B 76 15.19 1.32 17.19
C PHE B 76 14.50 0.25 18.04
N LYS B 77 13.97 -0.80 17.41
CA LYS B 77 13.32 -1.86 18.19
C LYS B 77 14.35 -2.68 18.95
N ARG B 78 15.53 -2.91 18.35
CA ARG B 78 16.59 -3.60 19.07
C ARG B 78 17.13 -2.71 20.20
N ASN B 79 17.70 -1.55 19.86
CA ASN B 79 18.19 -0.60 20.86
C ASN B 79 17.04 0.24 21.43
N ASN B 80 16.04 -0.46 21.97
CA ASN B 80 14.86 0.21 22.49
C ASN B 80 15.19 0.97 23.77
N SER B 81 15.63 0.26 24.82
CA SER B 81 15.88 0.89 26.11
C SER B 81 16.84 2.07 25.97
N ARG B 82 17.86 1.94 25.12
CA ARG B 82 18.79 3.04 24.91
C ARG B 82 18.08 4.27 24.35
N LEU B 83 17.00 4.09 23.61
CA LEU B 83 16.27 5.25 23.13
C LEU B 83 15.40 5.86 24.23
N MET B 84 14.84 5.03 25.10
CA MET B 84 14.06 5.54 26.22
C MET B 84 14.93 6.37 27.15
N ASP B 85 16.17 5.93 27.39
CA ASP B 85 17.08 6.69 28.23
C ASP B 85 17.33 8.08 27.66
N GLU B 86 17.51 8.19 26.34
CA GLU B 86 17.70 9.50 25.74
C GLU B 86 16.44 10.34 25.84
N ILE B 87 15.27 9.69 25.82
CA ILE B 87 13.99 10.42 25.90
C ILE B 87 13.80 11.01 27.30
N LEU B 88 13.99 10.18 28.33
CA LEU B 88 13.85 10.69 29.69
C LEU B 88 14.92 11.72 30.01
N LYS B 89 16.12 11.57 29.44
CA LYS B 89 17.16 12.56 29.65
C LYS B 89 16.73 13.93 29.14
N GLN B 90 16.22 13.99 27.91
CA GLN B 90 15.82 15.26 27.37
C GLN B 90 14.48 15.75 27.94
N GLN B 91 13.75 14.90 28.63
CA GLN B 91 12.63 15.39 29.42
C GLN B 91 13.07 16.27 30.58
N GLN B 92 14.37 16.27 30.93
CA GLN B 92 14.87 17.29 31.84
C GLN B 92 14.70 18.69 31.24
N GLU B 93 14.77 18.80 29.92
CA GLU B 93 14.37 20.03 29.24
C GLU B 93 12.86 20.27 29.28
N LEU B 94 12.11 19.46 30.02
CA LEU B 94 10.67 19.66 30.18
C LEU B 94 10.33 19.77 31.67
N ALA B 113 3.04 5.64 25.80
CA ALA B 113 2.43 6.37 24.69
C ALA B 113 3.43 6.63 23.57
N VAL B 114 4.55 5.91 23.61
CA VAL B 114 5.62 6.01 22.61
C VAL B 114 5.97 4.59 22.18
N LYS B 115 5.57 4.21 20.99
CA LYS B 115 5.85 2.87 20.48
C LYS B 115 7.02 2.92 19.50
N VAL B 116 7.85 1.89 19.55
CA VAL B 116 8.96 1.74 18.62
C VAL B 116 8.63 0.58 17.71
N LEU B 117 8.42 0.88 16.43
CA LEU B 117 7.91 -0.12 15.51
C LEU B 117 9.01 -0.59 14.56
N SER B 118 8.68 -1.68 13.89
CA SER B 118 9.58 -2.38 12.97
C SER B 118 8.70 -2.94 11.86
N PRO B 119 9.32 -3.40 10.77
CA PRO B 119 8.53 -4.08 9.73
C PRO B 119 7.58 -5.15 10.26
N GLU B 120 7.94 -5.81 11.36
CA GLU B 120 7.04 -6.75 12.01
C GLU B 120 5.67 -6.13 12.27
N ASP B 121 5.64 -4.84 12.61
CA ASP B 121 4.39 -4.19 12.97
C ASP B 121 3.44 -4.07 11.79
N GLY B 122 3.94 -4.16 10.56
CA GLY B 122 3.08 -4.00 9.40
C GLY B 122 2.50 -5.28 8.86
N LYS B 123 3.04 -5.75 7.73
CA LYS B 123 2.47 -6.90 7.07
C LYS B 123 2.48 -8.13 7.97
N ALA B 124 3.53 -8.30 8.76
CA ALA B 124 3.60 -9.47 9.64
C ALA B 124 2.44 -9.47 10.63
N ASP B 125 2.06 -8.32 11.17
CA ASP B 125 0.93 -8.30 12.08
C ASP B 125 -0.39 -8.53 11.35
N ILE B 126 -0.52 -8.01 10.13
CA ILE B 126 -1.70 -8.32 9.34
C ILE B 126 -1.79 -9.82 9.11
N VAL B 127 -0.66 -10.48 8.83
CA VAL B 127 -0.70 -11.92 8.65
C VAL B 127 -0.89 -12.64 9.98
N ARG B 128 -0.60 -12.00 11.10
CA ARG B 128 -0.88 -12.62 12.40
C ARG B 128 -2.37 -12.68 12.65
N ALA B 129 -3.06 -11.53 12.47
CA ALA B 129 -4.50 -11.47 12.65
C ALA B 129 -5.23 -12.44 11.73
N ALA B 130 -4.68 -12.67 10.54
CA ALA B 130 -5.29 -13.64 9.63
C ALA B 130 -5.33 -15.01 10.29
N GLN B 131 -4.18 -15.46 10.82
CA GLN B 131 -4.14 -16.78 11.45
C GLN B 131 -5.00 -16.83 12.70
N ASP B 132 -5.15 -15.71 13.41
CA ASP B 132 -6.03 -15.68 14.56
C ASP B 132 -7.49 -15.88 14.13
N PHE B 133 -7.89 -15.27 13.00
CA PHE B 133 -9.28 -15.36 12.56
C PHE B 133 -9.58 -16.69 11.88
N CYS B 134 -8.66 -17.19 11.06
CA CYS B 134 -8.88 -18.44 10.33
C CYS B 134 -9.01 -19.64 11.26
N GLN B 135 -8.49 -19.54 12.49
CA GLN B 135 -8.69 -20.62 13.44
C GLN B 135 -10.01 -20.49 14.17
N LEU B 136 -10.49 -19.27 14.40
CA LEU B 136 -11.89 -19.09 14.78
C LEU B 136 -12.82 -19.69 13.72
N VAL B 137 -12.47 -19.51 12.44
CA VAL B 137 -13.23 -20.14 11.37
C VAL B 137 -13.07 -21.65 11.45
N ALA B 138 -11.89 -22.12 11.85
CA ALA B 138 -11.67 -23.56 11.97
C ALA B 138 -12.37 -24.14 13.20
N GLN B 139 -12.52 -23.34 14.25
CA GLN B 139 -13.25 -23.78 15.43
C GLN B 139 -14.76 -23.76 15.23
N LYS B 140 -15.22 -23.42 14.03
CA LYS B 140 -16.64 -23.29 13.73
C LYS B 140 -17.30 -22.25 14.64
N GLN B 141 -16.48 -21.32 15.15
CA GLN B 141 -16.93 -20.21 15.97
C GLN B 141 -17.20 -18.95 15.18
N LYS B 142 -16.32 -18.60 14.24
CA LYS B 142 -16.54 -17.48 13.34
C LYS B 142 -16.66 -17.99 11.91
N ARG B 143 -17.46 -17.28 11.10
CA ARG B 143 -17.60 -17.66 9.71
C ARG B 143 -16.63 -16.87 8.84
N PRO B 144 -16.09 -17.46 7.77
CA PRO B 144 -15.20 -16.69 6.89
C PRO B 144 -15.81 -15.38 6.41
N THR B 145 -17.12 -15.37 6.17
CA THR B 145 -17.81 -14.16 5.76
C THR B 145 -17.95 -13.14 6.88
N ASP B 146 -17.64 -13.50 8.13
CA ASP B 146 -17.88 -12.59 9.24
C ASP B 146 -16.79 -11.52 9.38
N LEU B 147 -15.65 -11.68 8.72
CA LEU B 147 -14.60 -10.67 8.78
C LEU B 147 -14.90 -9.54 7.79
N ASP B 148 -14.94 -8.31 8.29
CA ASP B 148 -15.11 -7.17 7.40
C ASP B 148 -13.96 -6.18 7.62
N VAL B 149 -14.06 -4.99 7.02
CA VAL B 149 -13.03 -3.99 7.26
C VAL B 149 -13.02 -3.59 8.73
N ASP B 150 -14.20 -3.50 9.34
CA ASP B 150 -14.28 -3.04 10.73
C ASP B 150 -13.70 -4.08 11.69
N THR B 151 -14.08 -5.36 11.52
CA THR B 151 -13.63 -6.37 12.46
C THR B 151 -12.13 -6.64 12.32
N LEU B 152 -11.61 -6.62 11.09
CA LEU B 152 -10.18 -6.81 10.91
C LEU B 152 -9.39 -5.71 11.62
N ALA B 153 -9.91 -4.48 11.62
CA ALA B 153 -9.26 -3.41 12.37
C ALA B 153 -9.27 -3.69 13.86
N SER B 154 -10.37 -4.26 14.37
CA SER B 154 -10.42 -4.64 15.76
C SER B 154 -9.41 -5.74 16.10
N LEU B 155 -8.89 -6.44 15.10
CA LEU B 155 -8.03 -7.59 15.32
C LEU B 155 -6.55 -7.27 15.26
N LEU B 156 -6.17 -6.07 14.83
CA LEU B 156 -4.77 -5.75 14.68
C LEU B 156 -4.21 -5.23 16.01
N SER B 157 -2.87 -5.31 16.14
CA SER B 157 -2.21 -4.88 17.36
C SER B 157 -2.55 -3.44 17.72
N SER B 158 -2.83 -2.60 16.72
CA SER B 158 -3.21 -1.20 16.97
C SER B 158 -4.63 -1.07 17.50
N ASN B 159 -5.29 -2.15 17.91
CA ASN B 159 -6.63 -2.05 18.47
C ASN B 159 -6.67 -1.14 19.69
N GLY B 160 -5.52 -0.81 20.26
CA GLY B 160 -5.43 0.14 21.36
C GLY B 160 -4.75 1.44 20.98
N CYS B 161 -5.06 1.96 19.78
CA CYS B 161 -4.51 3.23 19.33
C CYS B 161 -5.24 3.71 18.07
N PRO B 162 -5.30 5.02 17.85
CA PRO B 162 -5.81 5.52 16.57
C PRO B 162 -4.78 5.36 15.47
N ASP B 163 -5.28 5.33 14.22
CA ASP B 163 -4.38 5.30 13.07
C ASP B 163 -3.54 6.58 13.04
N PRO B 164 -2.31 6.50 12.53
CA PRO B 164 -1.43 7.67 12.50
C PRO B 164 -2.00 8.78 11.62
N ASP B 165 -2.24 9.94 12.22
CA ASP B 165 -2.75 11.07 11.47
C ASP B 165 -1.69 11.69 10.60
N LEU B 166 -0.43 11.66 11.03
CA LEU B 166 0.64 12.37 10.35
C LEU B 166 1.93 11.59 10.52
N VAL B 167 2.66 11.40 9.42
CA VAL B 167 3.92 10.68 9.42
C VAL B 167 5.02 11.62 8.95
N LEU B 168 6.07 11.75 9.75
CA LEU B 168 7.26 12.48 9.37
C LEU B 168 8.26 11.48 8.85
N LYS B 169 8.63 11.62 7.58
CA LYS B 169 9.62 10.75 6.96
C LYS B 169 10.92 11.52 6.83
N PHE B 170 11.98 11.01 7.45
CA PHE B 170 13.29 11.63 7.43
C PHE B 170 14.23 10.78 6.57
N GLY B 171 14.96 11.43 5.68
CA GLY B 171 15.96 10.75 4.87
C GLY B 171 15.69 10.81 3.39
N PRO B 172 16.56 10.17 2.60
CA PRO B 172 16.47 10.28 1.15
C PRO B 172 15.50 9.34 0.48
N VAL B 173 14.91 8.39 1.21
CA VAL B 173 14.08 7.36 0.61
C VAL B 173 12.67 7.87 0.44
N ASP B 174 12.14 7.75 -0.78
CA ASP B 174 10.76 8.14 -1.09
C ASP B 174 9.85 6.91 -1.02
N SER B 175 9.90 6.25 0.13
CA SER B 175 9.00 5.14 0.36
C SER B 175 8.69 5.06 1.84
N THR B 176 7.55 4.44 2.16
CA THR B 176 7.23 4.18 3.55
C THR B 176 8.04 3.03 4.13
N LEU B 177 8.61 2.18 3.27
CA LEU B 177 9.49 1.10 3.69
C LEU B 177 8.82 0.13 4.64
N GLY B 178 7.51 -0.07 4.50
CA GLY B 178 6.80 -1.03 5.32
C GLY B 178 6.16 -0.48 6.57
N PHE B 179 6.07 0.84 6.71
CA PHE B 179 5.38 1.43 7.85
C PHE B 179 3.89 1.09 7.78
N LEU B 180 3.37 0.49 8.88
CA LEU B 180 1.97 0.15 9.15
C LEU B 180 1.06 0.27 7.94
N PRO B 181 1.20 -0.61 6.94
CA PRO B 181 0.45 -0.42 5.69
C PRO B 181 -1.05 -0.36 5.91
N TRP B 182 -1.59 -1.14 6.85
CA TRP B 182 -3.03 -1.06 7.11
C TRP B 182 -3.44 0.33 7.56
N HIS B 183 -2.58 0.98 8.34
CA HIS B 183 -2.98 2.12 9.16
C HIS B 183 -2.78 3.45 8.47
N ILE B 184 -2.00 3.48 7.40
CA ILE B 184 -1.61 4.75 6.78
C ILE B 184 -2.53 5.07 5.61
N ARG B 185 -3.76 4.53 5.64
CA ARG B 185 -4.66 4.72 4.52
C ARG B 185 -5.01 6.19 4.30
N LEU B 186 -5.03 6.99 5.35
CA LEU B 186 -5.34 8.40 5.20
C LEU B 186 -4.25 9.31 5.76
N THR B 187 -3.16 8.73 6.27
CA THR B 187 -2.12 9.53 6.90
C THR B 187 -1.56 10.54 5.92
N GLU B 188 -1.27 11.74 6.43
CA GLU B 188 -0.50 12.69 5.66
C GLU B 188 0.98 12.38 5.82
N ILE B 189 1.71 12.42 4.72
CA ILE B 189 3.10 11.98 4.68
C ILE B 189 3.94 13.20 4.34
N VAL B 190 4.59 13.76 5.34
CA VAL B 190 5.43 14.94 5.19
C VAL B 190 6.88 14.51 5.31
N SER B 191 7.70 14.89 4.33
CA SER B 191 9.10 14.49 4.29
C SER B 191 10.00 15.65 4.69
N LEU B 192 11.05 15.32 5.43
CA LEU B 192 12.14 16.23 5.77
C LEU B 192 13.46 15.55 5.44
N PRO B 193 14.45 16.31 4.96
CA PRO B 193 15.66 15.67 4.40
C PRO B 193 16.48 14.89 5.41
N SER B 194 16.44 15.24 6.69
CA SER B 194 17.19 14.47 7.67
C SER B 194 16.71 14.82 9.06
N HIS B 195 16.76 13.83 9.94
CA HIS B 195 16.71 14.08 11.37
C HIS B 195 18.08 14.45 11.93
N LEU B 196 19.05 14.72 11.04
CA LEU B 196 20.45 14.83 11.43
C LEU B 196 20.67 15.85 12.54
N ASN B 197 20.05 17.02 12.46
CA ASN B 197 20.18 18.01 13.51
C ASN B 197 18.88 18.81 13.61
N ILE B 198 17.76 18.10 13.63
CA ILE B 198 16.46 18.73 13.42
C ILE B 198 16.22 19.84 14.43
N SER B 199 15.74 20.97 13.94
CA SER B 199 15.43 22.12 14.78
C SER B 199 13.96 22.10 15.19
N TYR B 200 13.64 22.83 16.25
CA TYR B 200 12.23 22.96 16.62
C TYR B 200 11.45 23.64 15.51
N GLU B 201 12.02 24.71 14.93
CA GLU B 201 11.35 25.40 13.83
C GLU B 201 11.09 24.45 12.67
N ASP B 202 12.07 23.60 12.35
CA ASP B 202 11.88 22.62 11.28
C ASP B 202 10.73 21.67 11.58
N PHE B 203 10.74 21.09 12.77
CA PHE B 203 9.67 20.19 13.19
C PHE B 203 8.34 20.92 13.20
N PHE B 204 8.32 22.15 13.72
CA PHE B 204 7.05 22.86 13.82
C PHE B 204 6.57 23.35 12.47
N SER B 205 7.48 23.61 11.53
CA SER B 205 7.06 23.91 10.18
C SER B 205 6.30 22.73 9.56
N ALA B 206 6.66 21.51 9.95
CA ALA B 206 5.96 20.33 9.43
C ALA B 206 4.56 20.23 10.01
N LEU B 207 4.39 20.52 11.30
CA LEU B 207 3.06 20.50 11.89
C LEU B 207 2.17 21.57 11.27
N ARG B 208 2.76 22.68 10.83
CA ARG B 208 1.99 23.72 10.15
C ARG B 208 1.47 23.22 8.80
N GLN B 209 2.27 22.41 8.10
CA GLN B 209 1.81 21.85 6.83
C GLN B 209 0.61 20.93 7.06
N TYR B 210 0.71 20.04 8.06
CA TYR B 210 -0.39 19.13 8.36
C TYR B 210 -1.63 19.87 8.83
N ALA B 211 -1.46 20.95 9.60
CA ALA B 211 -2.61 21.72 10.01
C ALA B 211 -3.34 22.31 8.82
N ALA B 212 -2.63 22.60 7.72
CA ALA B 212 -3.24 23.19 6.54
C ALA B 212 -3.76 22.16 5.56
N CYS B 213 -3.56 20.88 5.83
CA CYS B 213 -3.98 19.84 4.90
C CYS B 213 -5.49 19.65 5.00
N GLU B 214 -6.12 19.49 3.83
CA GLU B 214 -7.56 19.29 3.73
C GLU B 214 -7.83 17.81 3.47
N GLN B 215 -8.37 17.13 4.48
CA GLN B 215 -8.74 15.72 4.34
C GLN B 215 -10.19 15.66 3.85
N ARG B 216 -10.38 15.32 2.58
CA ARG B 216 -11.73 15.27 2.03
C ARG B 216 -12.42 13.95 2.29
N LEU B 217 -11.65 12.88 2.54
CA LEU B 217 -12.20 11.58 2.92
C LEU B 217 -13.15 11.05 1.85
N GLY B 218 -12.79 11.24 0.58
CA GLY B 218 -13.54 10.68 -0.52
C GLY B 218 -14.75 11.46 -0.96
N LYS B 219 -15.28 12.35 -0.13
CA LYS B 219 -16.45 13.15 -0.51
C LYS B 219 -16.03 14.32 -1.39
#